data_9OA4
#
_entry.id   9OA4
#
_cell.length_a   43.134
_cell.length_b   60.695
_cell.length_c   44.802
_cell.angle_alpha   90.000
_cell.angle_beta   116.593
_cell.angle_gamma   90.000
#
_symmetry.space_group_name_H-M   'P 1 21 1'
#
loop_
_entity.id
_entity.type
_entity.pdbx_description
1 polymer "DNA (5'-D(*AP*AP*TP*AP*AP*GP*CP*GP*GP*AP*AP*GP*TP*GP*GP*G)-3')"
2 polymer "DNA (5'-D(*TP*CP*CP*CP*AP*CP*TP*TP*TP*CP*GP*CP*TP*TP*AP*T)-3')"
3 polymer 'Transcription factor PU.1'
4 water water
#
loop_
_entity_poly.entity_id
_entity_poly.type
_entity_poly.pdbx_seq_one_letter_code
_entity_poly.pdbx_strand_id
1 'polydeoxyribonucleotide' (DA)(DA)(DT)(DA)(DA)(DG)(DC)(DG)(DG)(DA)(DA)(DG)(DT)(DG)(DG)(DG) C
2 'polydeoxyribonucleotide' (DT)(DC)(DC)(DC)(DA)(DC)(DT)(DT)(DT)(DC)(DG)(DC)(DT)(DT)(DA)(DT) D
3 'polypeptide(L)'
;GSKKKIRLYQFLLDLLRSGDMKDSIWWVDKDKGTFQFSSKHKEALAHRWGIQKGNRKKMTYQKMARALRNYGKTGEVKKV
KKKLTYQFSGEVLGRGGLAERRHPPH
;
F
#
loop_
_chem_comp.id
_chem_comp.type
_chem_comp.name
_chem_comp.formula
DA DNA linking 2'-DEOXYADENOSINE-5'-MONOPHOSPHATE 'C10 H14 N5 O6 P'
DC DNA linking 2'-DEOXYCYTIDINE-5'-MONOPHOSPHATE 'C9 H14 N3 O7 P'
DG DNA linking 2'-DEOXYGUANOSINE-5'-MONOPHOSPHATE 'C10 H14 N5 O7 P'
DT DNA linking THYMIDINE-5'-MONOPHOSPHATE 'C10 H15 N2 O8 P'
#
# COMPACT_ATOMS: atom_id res chain seq x y z
N LYS C 5 -14.35 -6.09 -6.51
CA LYS C 5 -12.95 -6.34 -6.19
C LYS C 5 -12.41 -5.31 -5.21
N ILE C 6 -11.53 -5.77 -4.33
CA ILE C 6 -10.96 -4.88 -3.32
C ILE C 6 -10.16 -3.76 -3.98
N ARG C 7 -10.19 -2.59 -3.36
CA ARG C 7 -9.40 -1.46 -3.80
C ARG C 7 -8.01 -1.53 -3.17
N LEU C 8 -7.03 -0.97 -3.88
CA LEU C 8 -5.65 -1.10 -3.43
C LEU C 8 -5.46 -0.54 -2.02
N TYR C 9 -6.06 0.62 -1.73
CA TYR C 9 -5.82 1.19 -0.40
C TYR C 9 -6.37 0.26 0.67
N GLN C 10 -7.46 -0.45 0.38
CA GLN C 10 -8.05 -1.34 1.36
C GLN C 10 -7.21 -2.61 1.53
N PHE C 11 -6.65 -3.11 0.43
CA PHE C 11 -5.73 -4.24 0.50
C PHE C 11 -4.56 -3.92 1.43
N LEU C 12 -3.99 -2.72 1.29
CA LEU C 12 -2.85 -2.34 2.12
C LEU C 12 -3.26 -2.14 3.58
N LEU C 13 -4.39 -1.46 3.81
CA LEU C 13 -4.86 -1.25 5.18
C LEU C 13 -5.13 -2.59 5.84
N ASP C 14 -5.73 -3.54 5.11
CA ASP C 14 -6.02 -4.85 5.68
C ASP C 14 -4.73 -5.59 6.04
N LEU C 15 -3.70 -5.48 5.19
CA LEU C 15 -2.43 -6.13 5.51
C LEU C 15 -1.85 -5.55 6.78
N LEU C 16 -1.90 -4.22 6.91
CA LEU C 16 -1.34 -3.58 8.10
C LEU C 16 -2.08 -4.02 9.35
N ARG C 17 -3.40 -4.20 9.26
CA ARG C 17 -4.17 -4.62 10.42
C ARG C 17 -3.91 -6.08 10.75
N SER C 18 -3.74 -6.92 9.74
CA SER C 18 -3.57 -8.35 9.95
C SER C 18 -2.14 -8.72 10.36
N GLY C 19 -1.15 -7.91 9.94
CA GLY C 19 0.23 -8.22 10.22
C GLY C 19 0.81 -9.34 9.37
N ASP C 20 0.13 -9.72 8.28
CA ASP C 20 0.49 -10.96 7.58
C ASP C 20 1.76 -10.83 6.75
N MET C 21 2.15 -9.62 6.37
CA MET C 21 3.40 -9.38 5.64
C MET C 21 4.21 -8.31 6.35
N LYS C 22 4.48 -8.54 7.64
CA LYS C 22 5.12 -7.55 8.49
C LYS C 22 6.52 -7.19 8.01
N ASP C 23 7.16 -8.06 7.24
CA ASP C 23 8.49 -7.78 6.72
C ASP C 23 8.47 -7.02 5.40
N SER C 24 7.29 -6.79 4.82
CA SER C 24 7.17 -6.01 3.59
C SER C 24 6.57 -4.63 3.80
N ILE C 25 5.78 -4.43 4.86
CA ILE C 25 5.05 -3.19 5.08
C ILE C 25 4.82 -3.05 6.57
N TRP C 26 4.84 -1.81 7.06
CA TRP C 26 4.65 -1.56 8.49
C TRP C 26 4.17 -0.13 8.72
N TRP C 27 3.51 0.08 9.86
CA TRP C 27 3.16 1.42 10.28
C TRP C 27 4.41 2.19 10.70
N VAL C 28 4.45 3.48 10.37
CA VAL C 28 5.45 4.40 10.92
C VAL C 28 4.84 5.10 12.13
N ASP C 29 3.70 5.77 11.91
CA ASP C 29 2.91 6.34 13.01
C ASP C 29 1.45 6.00 12.69
N LYS C 30 0.93 4.95 13.32
CA LYS C 30 -0.40 4.50 12.94
C LYS C 30 -1.47 5.54 13.27
N ASP C 31 -1.25 6.34 14.31
CA ASP C 31 -2.21 7.40 14.64
C ASP C 31 -2.35 8.39 13.51
N LYS C 32 -1.25 8.66 12.79
CA LYS C 32 -1.27 9.56 11.64
C LYS C 32 -1.61 8.84 10.35
N GLY C 33 -1.66 7.52 10.37
CA GLY C 33 -1.86 6.74 9.18
C GLY C 33 -0.67 6.64 8.25
N THR C 34 0.54 6.89 8.75
CA THR C 34 1.72 6.78 7.90
C THR C 34 2.27 5.37 7.94
N PHE C 35 2.69 4.88 6.77
CA PHE C 35 3.20 3.53 6.64
C PHE C 35 4.32 3.51 5.62
N GLN C 36 5.13 2.44 5.65
CA GLN C 36 6.32 2.36 4.83
C GLN C 36 6.50 0.93 4.30
N PHE C 37 6.98 0.84 3.06
CA PHE C 37 7.35 -0.43 2.46
C PHE C 37 8.81 -0.76 2.70
N SER C 38 9.09 -2.07 2.70
CA SER C 38 10.46 -2.57 2.77
C SER C 38 11.14 -2.42 1.41
N SER C 39 12.34 -1.83 1.41
CA SER C 39 13.07 -1.73 0.15
C SER C 39 13.31 -3.09 -0.46
N LYS C 40 13.71 -4.06 0.36
CA LYS C 40 14.10 -5.37 -0.14
C LYS C 40 12.94 -6.35 -0.30
N HIS C 41 11.82 -6.14 0.39
CA HIS C 41 10.74 -7.13 0.40
C HIS C 41 9.42 -6.61 -0.12
N LYS C 42 9.41 -5.42 -0.73
CA LYS C 42 8.15 -4.89 -1.25
C LYS C 42 7.64 -5.66 -2.47
N GLU C 43 8.52 -6.28 -3.26
CA GLU C 43 8.06 -6.96 -4.47
C GLU C 43 7.15 -8.15 -4.13
N ALA C 44 7.43 -8.87 -3.04
CA ALA C 44 6.55 -9.97 -2.65
C ALA C 44 5.13 -9.46 -2.37
N LEU C 45 5.02 -8.28 -1.76
CA LEU C 45 3.71 -7.71 -1.48
C LEU C 45 3.02 -7.30 -2.79
N ALA C 46 3.75 -6.68 -3.69
CA ALA C 46 3.19 -6.33 -5.00
C ALA C 46 2.71 -7.56 -5.73
N HIS C 47 3.49 -8.64 -5.70
CA HIS C 47 3.05 -9.87 -6.34
C HIS C 47 1.72 -10.33 -5.78
N ARG C 48 1.55 -10.25 -4.46
CA ARG C 48 0.31 -10.67 -3.83
CA ARG C 48 0.31 -10.68 -3.83
C ARG C 48 -0.87 -9.82 -4.29
N TRP C 49 -0.66 -8.52 -4.42
CA TRP C 49 -1.72 -7.63 -4.92
C TRP C 49 -2.20 -8.07 -6.29
N GLY C 50 -1.27 -8.32 -7.22
CA GLY C 50 -1.68 -8.68 -8.57
C GLY C 50 -2.40 -10.01 -8.63
N ILE C 51 -1.96 -10.98 -7.83
CA ILE C 51 -2.63 -12.28 -7.80
C ILE C 51 -4.02 -12.13 -7.21
N GLN C 52 -4.17 -11.30 -6.17
CA GLN C 52 -5.48 -11.10 -5.58
C GLN C 52 -6.44 -10.47 -6.59
N LYS C 53 -5.92 -9.59 -7.45
CA LYS C 53 -6.74 -8.94 -8.49
C LYS C 53 -6.98 -9.82 -9.70
N GLY C 54 -6.19 -10.88 -9.89
CA GLY C 54 -6.33 -11.69 -11.09
C GLY C 54 -5.84 -11.00 -12.35
N ASN C 55 -4.86 -10.12 -12.23
CA ASN C 55 -4.38 -9.38 -13.39
C ASN C 55 -3.64 -10.30 -14.34
N ARG C 56 -3.56 -9.89 -15.61
CA ARG C 56 -2.96 -10.73 -16.63
C ARG C 56 -1.46 -10.88 -16.44
N LYS C 57 -0.78 -9.78 -16.12
CA LYS C 57 0.66 -9.76 -15.94
C LYS C 57 1.03 -9.82 -14.47
N LYS C 58 2.28 -10.18 -14.21
CA LYS C 58 2.83 -10.12 -12.85
C LYS C 58 2.84 -8.66 -12.39
N MET C 59 2.36 -8.42 -11.17
CA MET C 59 2.36 -7.07 -10.62
C MET C 59 3.75 -6.75 -10.11
N THR C 60 4.16 -5.50 -10.29
CA THR C 60 5.44 -5.01 -9.79
C THR C 60 5.19 -3.89 -8.80
N TYR C 61 6.17 -3.62 -7.94
CA TYR C 61 6.04 -2.48 -7.05
C TYR C 61 5.85 -1.18 -7.84
N GLN C 62 6.57 -1.01 -8.97
CA GLN C 62 6.44 0.22 -9.75
CA GLN C 62 6.43 0.21 -9.77
C GLN C 62 4.99 0.43 -10.20
N LYS C 63 4.34 -0.63 -10.74
CA LYS C 63 2.96 -0.48 -11.19
C LYS C 63 2.03 -0.23 -10.00
N MET C 64 2.29 -0.88 -8.87
CA MET C 64 1.47 -0.66 -7.69
C MET C 64 1.65 0.77 -7.19
N ALA C 65 2.90 1.26 -7.15
CA ALA C 65 3.15 2.64 -6.74
C ALA C 65 2.54 3.64 -7.71
N ARG C 66 2.45 3.29 -9.00
CA ARG C 66 1.77 4.18 -9.93
C ARG C 66 0.30 4.30 -9.56
N ALA C 67 -0.33 3.17 -9.23
CA ALA C 67 -1.70 3.24 -8.75
C ALA C 67 -1.79 4.11 -7.50
N LEU C 68 -0.81 4.01 -6.59
CA LEU C 68 -0.85 4.84 -5.39
C LEU C 68 -0.78 6.33 -5.73
N ARG C 69 0.05 6.71 -6.71
CA ARG C 69 0.13 8.11 -7.10
C ARG C 69 -1.22 8.66 -7.54
N ASN C 70 -2.07 7.83 -8.12
CA ASN C 70 -3.37 8.30 -8.60
C ASN C 70 -4.32 8.68 -7.47
N TYR C 71 -4.07 8.18 -6.26
CA TYR C 71 -4.88 8.57 -5.10
C TYR C 71 -4.56 9.96 -4.59
N GLY C 72 -3.48 10.59 -5.07
CA GLY C 72 -3.08 11.88 -4.51
C GLY C 72 -4.14 12.94 -4.70
N LYS C 73 -4.83 12.94 -5.85
CA LYS C 73 -5.81 13.97 -6.14
C LYS C 73 -7.12 13.76 -5.38
N THR C 74 -7.50 12.51 -5.12
CA THR C 74 -8.70 12.23 -4.34
C THR C 74 -8.43 12.08 -2.85
N GLY C 75 -7.18 11.76 -2.47
CA GLY C 75 -6.74 11.90 -1.11
C GLY C 75 -6.68 10.64 -0.27
N GLU C 76 -7.07 9.48 -0.81
CA GLU C 76 -7.10 8.28 0.02
C GLU C 76 -5.71 7.93 0.55
N VAL C 77 -4.70 8.11 -0.27
CA VAL C 77 -3.31 7.86 0.10
C VAL C 77 -2.50 8.99 -0.50
N LYS C 78 -1.58 9.54 0.31
CA LYS C 78 -0.67 10.57 -0.13
C LYS C 78 0.77 10.13 0.11
N LYS C 79 1.64 10.51 -0.82
CA LYS C 79 3.06 10.25 -0.65
C LYS C 79 3.64 11.20 0.39
N VAL C 80 4.41 10.65 1.32
CA VAL C 80 5.17 11.40 2.31
C VAL C 80 6.59 11.56 1.80
N LYS C 81 7.23 12.67 2.15
CA LYS C 81 8.58 12.97 1.67
C LYS C 81 9.64 12.21 2.45
N LYS C 82 9.44 10.92 2.60
CA LYS C 82 10.34 9.99 3.25
C LYS C 82 10.35 8.73 2.41
N LYS C 83 11.47 8.03 2.43
CA LYS C 83 11.65 6.90 1.51
C LYS C 83 10.55 5.85 1.68
N LEU C 84 9.88 5.52 0.57
CA LEU C 84 8.90 4.42 0.54
C LEU C 84 7.75 4.61 1.52
N THR C 85 7.44 5.85 1.87
CA THR C 85 6.49 6.17 2.92
C THR C 85 5.28 6.92 2.36
N TYR C 86 4.10 6.55 2.88
CA TYR C 86 2.81 7.01 2.39
C TYR C 86 1.92 7.28 3.60
N GLN C 87 0.75 7.88 3.37
CA GLN C 87 -0.17 8.23 4.45
C GLN C 87 -1.61 8.07 4.00
N PHE C 88 -2.39 7.28 4.74
CA PHE C 88 -3.82 7.17 4.49
C PHE C 88 -4.54 8.41 4.99
N SER C 89 -5.66 8.74 4.35
CA SER C 89 -6.51 9.83 4.82
C SER C 89 -7.25 9.43 6.08
N GLY C 90 -7.67 10.45 6.84
CA GLY C 90 -8.52 10.19 7.98
C GLY C 90 -9.79 9.45 7.61
N GLU C 91 -10.34 9.76 6.44
CA GLU C 91 -11.57 9.10 6.00
C GLU C 91 -11.33 7.61 5.79
N VAL C 92 -10.23 7.27 5.12
CA VAL C 92 -9.88 5.87 4.91
C VAL C 92 -9.67 5.17 6.25
N LEU C 93 -8.99 5.83 7.19
CA LEU C 93 -8.71 5.22 8.48
C LEU C 93 -9.96 5.04 9.32
N GLY C 94 -10.95 5.93 9.14
CA GLY C 94 -12.15 5.87 9.96
C GLY C 94 -13.14 4.85 9.47
N ARG C 95 -13.19 4.64 8.17
CA ARG C 95 -14.12 3.68 7.58
C ARG C 95 -13.86 2.28 8.10
#